data_7FOH
#
_entry.id   7FOH
#
_cell.length_a   89.397
_cell.length_b   81.783
_cell.length_c   93.429
_cell.angle_alpha   90
_cell.angle_beta   108.6
_cell.angle_gamma   90
#
_symmetry.space_group_name_H-M   'C 1 2 1'
#
loop_
_entity.id
_entity.type
_entity.pdbx_description
1 polymer 'Pre-mRNA-splicing factor 8'
2 polymer 'A1 cistron-splicing factor AAR2'
3 non-polymer N-[2-(dimethylamino)ethyl]-4-fluorobenzamide
4 water water
#
loop_
_entity_poly.entity_id
_entity_poly.type
_entity_poly.pdbx_seq_one_letter_code
_entity_poly.pdbx_strand_id
1 'polypeptide(L)'
;GAMNSSNYAELFNNDIKLFVDDTNVYRVTVHKTFEGNVATKAINGCIFTLNPKTGHLFLKIIHTSVWAGQKRLSQLAKWK
TAEEVSALVRSLPKEEQPKQIIVTRKAMLDPLEVHMLDFPNIAIRPTELRLPFSAAMSIDKLSDVVMKATEPQMVLFNIY
DDWLDRISSYTAFSRLTLLLRALKTNEESAKMILLSDPTITIKSYHLWPSFTDEQWITIESQMRDLILTEYGRKYNVNIS
ALTQTEIKDIILGQNIKA
;
A
2 'polypeptide(L)'
;GAMAMNTVPFTSAPIEVTIGIDQYSFNVKENQPFHGIKDIPIGHVHVIHFQHADNSSMRYGYWFDCRMGNFYIQYDPKDG
LYKMMEERDGAKFENIVHNFKERQMMVSYPKIDEDDTWYNLTEFVQMDKIRKIVRKDENQFSYVDSSMTTVQENELSSSS
SDPAHSLNYTVINFKSREAIRPGHEMEDFLDKSYYLNTVMLQGIFKNSSNYFGELQFAFLNAMFFGNYGSSLQWHAMIEL
ICSSATVPKHMLDKLDEILYYQIKTLPEQYSDILLNERVWNICLYSSFQKNSLHNTEKIMENKYPELL
;
B
#
loop_
_chem_comp.id
_chem_comp.type
_chem_comp.name
_chem_comp.formula
W5U non-polymer N-[2-(dimethylamino)ethyl]-4-fluorobenzamide 'C11 H15 F N2 O'
#
# COMPACT_ATOMS: atom_id res chain seq x y z
N GLY A 1 2.80 -12.33 10.64
CA GLY A 1 1.85 -12.08 9.59
C GLY A 1 0.60 -12.95 9.63
N ALA A 2 0.56 -14.01 8.81
CA ALA A 2 -0.62 -14.83 8.71
C ALA A 2 -0.59 -15.98 9.72
N MET A 3 -1.74 -16.62 9.87
CA MET A 3 -1.99 -17.60 10.92
C MET A 3 -2.28 -18.94 10.26
N ASN A 4 -1.54 -19.98 10.65
CA ASN A 4 -1.68 -21.28 10.03
C ASN A 4 -1.46 -22.37 11.08
N SER A 5 -1.29 -23.61 10.61
CA SER A 5 -1.16 -24.75 11.52
C SER A 5 0.10 -24.66 12.37
N SER A 6 1.13 -23.98 11.89
CA SER A 6 2.39 -23.96 12.59
C SER A 6 2.39 -23.06 13.81
N ASN A 7 1.48 -22.09 13.88
CA ASN A 7 1.38 -21.23 15.07
C ASN A 7 -0.02 -21.30 15.67
N TYR A 8 -0.51 -22.50 15.92
CA TYR A 8 -1.92 -22.73 16.25
C TYR A 8 -2.21 -22.55 17.73
N ALA A 9 -1.29 -22.96 18.59
CA ALA A 9 -1.46 -22.76 20.01
C ALA A 9 -1.45 -21.30 20.42
N GLU A 10 -1.17 -20.35 19.50
CA GLU A 10 -1.13 -18.95 19.87
C GLU A 10 -2.55 -18.45 20.18
N LEU A 11 -3.53 -19.03 19.52
CA LEU A 11 -4.92 -18.69 19.81
C LEU A 11 -5.28 -18.80 21.29
N PHE A 12 -4.69 -19.73 22.01
CA PHE A 12 -5.10 -20.00 23.39
C PHE A 12 -4.15 -19.44 24.42
N ASN A 13 -3.26 -18.51 24.02
CA ASN A 13 -2.36 -17.98 25.04
C ASN A 13 -3.14 -16.84 25.69
N ASN A 14 -2.46 -16.01 26.45
CA ASN A 14 -3.07 -14.97 27.28
C ASN A 14 -2.91 -13.58 26.66
N ASP A 15 -2.65 -13.48 25.36
CA ASP A 15 -2.76 -12.21 24.64
C ASP A 15 -4.16 -12.16 24.08
N ILE A 16 -4.92 -11.12 24.44
CA ILE A 16 -6.31 -11.05 24.03
C ILE A 16 -6.34 -10.94 22.51
N LYS A 17 -7.19 -11.75 21.88
CA LYS A 17 -7.42 -11.67 20.41
C LYS A 17 -8.88 -11.96 20.07
N LEU A 18 -9.27 -11.58 18.83
CA LEU A 18 -10.58 -11.84 18.27
C LEU A 18 -10.42 -12.25 16.82
N PHE A 19 -11.10 -13.30 16.39
CA PHE A 19 -11.40 -13.53 14.99
C PHE A 19 -12.57 -12.63 14.56
N VAL A 20 -12.50 -12.13 13.35
CA VAL A 20 -13.64 -11.50 12.72
C VAL A 20 -13.94 -12.28 11.46
N ASP A 21 -15.22 -12.61 11.29
CA ASP A 21 -15.72 -13.26 10.11
C ASP A 21 -16.85 -12.43 9.54
N ASP A 22 -16.72 -12.04 8.28
CA ASP A 22 -17.69 -11.16 7.66
C ASP A 22 -18.61 -11.88 6.65
N THR A 23 -18.60 -13.21 6.63
N THR A 23 -18.68 -13.24 6.67
CA THR A 23 -19.31 -13.91 5.57
CA THR A 23 -19.31 -13.98 5.58
C THR A 23 -20.79 -13.59 5.64
C THR A 23 -20.82 -13.96 5.70
N ASN A 24 -21.34 -13.52 6.84
CA ASN A 24 -22.79 -13.38 6.96
C ASN A 24 -23.25 -11.93 7.13
N VAL A 25 -22.36 -10.97 6.91
CA VAL A 25 -22.75 -9.56 7.05
C VAL A 25 -23.77 -9.15 6.01
N TYR A 26 -23.53 -9.46 4.71
CA TYR A 26 -24.40 -9.02 3.59
C TYR A 26 -25.03 -10.30 3.04
N ARG A 27 -26.33 -10.45 3.25
CA ARG A 27 -27.00 -11.68 2.87
C ARG A 27 -28.18 -11.36 2.00
N VAL A 28 -28.34 -12.07 0.90
CA VAL A 28 -29.33 -11.78 -0.11
C VAL A 28 -30.04 -13.05 -0.52
N THR A 29 -31.24 -12.90 -1.03
CA THR A 29 -31.94 -13.95 -1.75
C THR A 29 -32.17 -13.42 -3.15
N VAL A 30 -31.95 -14.24 -4.16
CA VAL A 30 -32.05 -13.82 -5.55
C VAL A 30 -33.37 -14.31 -6.09
N HIS A 31 -34.08 -13.46 -6.83
CA HIS A 31 -35.39 -13.84 -7.33
C HIS A 31 -35.69 -13.18 -8.65
N LYS A 32 -36.72 -13.71 -9.32
CA LYS A 32 -37.15 -13.15 -10.59
C LYS A 32 -38.14 -12.00 -10.38
N THR A 33 -38.03 -10.98 -11.23
CA THR A 33 -38.95 -9.85 -11.23
C THR A 33 -40.11 -10.12 -12.19
N PHE A 34 -41.16 -9.31 -12.06
CA PHE A 34 -42.32 -9.53 -12.90
C PHE A 34 -41.95 -9.49 -14.38
N GLU A 35 -41.02 -8.62 -14.74
CA GLU A 35 -40.54 -8.53 -16.10
C GLU A 35 -39.57 -9.65 -16.46
N GLY A 36 -39.42 -10.64 -15.59
CA GLY A 36 -38.53 -11.75 -15.89
C GLY A 36 -37.06 -11.42 -15.74
N ASN A 37 -36.73 -10.35 -15.03
CA ASN A 37 -35.35 -10.04 -14.69
C ASN A 37 -35.03 -10.62 -13.32
N VAL A 38 -33.81 -10.43 -12.87
CA VAL A 38 -33.39 -10.93 -11.58
C VAL A 38 -33.12 -9.75 -10.67
N ALA A 39 -33.31 -9.99 -9.39
CA ALA A 39 -33.24 -8.97 -8.37
C ALA A 39 -32.92 -9.68 -7.08
N THR A 40 -32.22 -8.96 -6.19
CA THR A 40 -31.82 -9.47 -4.89
C THR A 40 -32.69 -8.81 -3.85
N LYS A 41 -32.98 -9.52 -2.77
CA LYS A 41 -33.56 -8.92 -1.57
C LYS A 41 -32.66 -9.26 -0.40
N ALA A 42 -32.19 -8.24 0.28
CA ALA A 42 -31.28 -8.44 1.40
C ALA A 42 -32.04 -9.00 2.58
N ILE A 43 -31.32 -9.62 3.51
CA ILE A 43 -31.91 -10.03 4.77
C ILE A 43 -30.91 -9.79 5.90
N ASN A 44 -31.44 -9.71 7.13
CA ASN A 44 -30.54 -9.40 8.25
C ASN A 44 -29.29 -10.25 8.14
N GLY A 45 -28.15 -9.66 8.47
CA GLY A 45 -26.94 -10.43 8.65
C GLY A 45 -26.34 -10.19 10.03
N CYS A 46 -25.07 -10.51 10.21
CA CYS A 46 -24.39 -10.40 11.48
C CYS A 46 -22.87 -10.48 11.19
N ILE A 47 -22.11 -9.76 12.06
CA ILE A 47 -20.67 -9.91 12.13
C ILE A 47 -20.40 -10.89 13.24
N PHE A 48 -19.43 -11.81 13.01
CA PHE A 48 -19.09 -12.88 13.94
C PHE A 48 -17.72 -12.55 14.48
N THR A 49 -17.68 -11.90 15.62
CA THR A 49 -16.44 -11.53 16.28
C THR A 49 -16.26 -12.46 17.51
N LEU A 50 -15.17 -13.25 17.60
CA LEU A 50 -15.05 -14.31 18.62
C LEU A 50 -13.71 -14.29 19.31
N ASN A 51 -13.73 -14.34 20.65
CA ASN A 51 -12.50 -14.55 21.38
C ASN A 51 -12.37 -16.05 21.47
N PRO A 52 -11.26 -16.68 20.99
CA PRO A 52 -11.19 -18.12 20.85
C PRO A 52 -10.80 -18.72 22.19
N LYS A 53 -10.24 -17.91 23.09
CA LYS A 53 -9.82 -18.34 24.40
C LYS A 53 -10.98 -18.44 25.40
N THR A 54 -11.84 -17.42 25.41
CA THR A 54 -12.94 -17.33 26.35
C THR A 54 -14.21 -17.88 25.76
N GLY A 55 -14.40 -17.79 24.48
CA GLY A 55 -15.64 -18.18 23.86
C GLY A 55 -16.60 -17.08 23.75
N HIS A 56 -16.19 -15.89 24.17
CA HIS A 56 -16.99 -14.70 24.12
C HIS A 56 -17.19 -14.31 22.64
N LEU A 57 -18.43 -14.22 22.25
CA LEU A 57 -18.90 -13.87 20.91
C LEU A 57 -19.61 -12.55 21.02
N PHE A 58 -19.21 -11.61 20.22
CA PHE A 58 -19.83 -10.31 20.07
C PHE A 58 -20.53 -10.43 18.73
N LEU A 59 -21.87 -10.69 18.76
CA LEU A 59 -22.65 -10.91 17.56
C LEU A 59 -23.31 -9.60 17.21
N LYS A 60 -22.76 -8.91 16.23
CA LYS A 60 -23.38 -7.68 15.75
C LYS A 60 -24.36 -7.96 14.63
N ILE A 61 -25.68 -7.65 14.97
CA ILE A 61 -26.74 -7.82 13.98
C ILE A 61 -26.70 -6.67 12.97
N ILE A 62 -26.62 -7.02 11.71
CA ILE A 62 -26.65 -6.06 10.58
C ILE A 62 -28.07 -6.09 10.02
N HIS A 63 -28.84 -5.05 10.33
CA HIS A 63 -30.20 -4.94 9.86
C HIS A 63 -30.25 -4.39 8.43
N THR A 64 -31.15 -4.94 7.62
CA THR A 64 -31.15 -4.60 6.20
C THR A 64 -31.25 -3.12 5.93
N SER A 65 -31.77 -2.32 6.89
CA SER A 65 -31.87 -0.88 6.66
C SER A 65 -30.51 -0.24 6.38
N VAL A 66 -29.41 -0.81 6.88
N VAL A 66 -29.41 -0.83 6.88
CA VAL A 66 -28.09 -0.24 6.62
CA VAL A 66 -28.06 -0.31 6.61
C VAL A 66 -27.69 -0.27 5.15
C VAL A 66 -27.83 -0.14 5.12
N TRP A 67 -28.40 -1.03 4.32
CA TRP A 67 -28.09 -1.09 2.90
C TRP A 67 -28.94 -0.15 2.08
N ALA A 68 -29.95 0.53 2.66
CA ALA A 68 -30.94 1.23 1.84
C ALA A 68 -30.28 2.43 1.15
N GLY A 69 -30.51 2.56 -0.15
CA GLY A 69 -29.92 3.62 -0.92
C GLY A 69 -28.42 3.54 -1.12
N GLN A 70 -27.78 2.45 -0.71
CA GLN A 70 -26.35 2.30 -0.89
C GLN A 70 -26.03 1.56 -2.18
N LYS A 71 -24.81 1.73 -2.64
CA LYS A 71 -24.33 1.09 -3.86
C LYS A 71 -23.10 0.27 -3.52
N ARG A 72 -22.83 -0.72 -4.39
CA ARG A 72 -21.68 -1.63 -4.27
C ARG A 72 -21.66 -2.33 -2.90
N LEU A 73 -22.77 -3.02 -2.61
CA LEU A 73 -22.98 -3.52 -1.25
C LEU A 73 -21.91 -4.50 -0.76
N SER A 74 -21.48 -5.49 -1.58
CA SER A 74 -20.43 -6.40 -1.11
C SER A 74 -19.17 -5.66 -0.64
N GLN A 75 -18.76 -4.58 -1.32
CA GLN A 75 -17.60 -3.80 -0.88
C GLN A 75 -17.93 -2.97 0.35
N LEU A 76 -19.13 -2.34 0.35
CA LEU A 76 -19.54 -1.62 1.56
C LEU A 76 -19.61 -2.56 2.77
N ALA A 77 -20.09 -3.78 2.59
CA ALA A 77 -20.13 -4.74 3.70
C ALA A 77 -18.80 -4.92 4.40
N LYS A 78 -17.70 -4.95 3.67
CA LYS A 78 -16.41 -5.08 4.33
C LYS A 78 -16.11 -3.87 5.27
N TRP A 79 -16.29 -2.65 4.73
CA TRP A 79 -16.11 -1.40 5.48
C TRP A 79 -17.12 -1.23 6.66
N LYS A 80 -18.37 -1.65 6.48
CA LYS A 80 -19.29 -1.64 7.60
C LYS A 80 -18.80 -2.57 8.72
N THR A 81 -18.33 -3.78 8.34
CA THR A 81 -17.77 -4.70 9.31
C THR A 81 -16.62 -4.04 10.05
N ALA A 82 -15.72 -3.41 9.29
CA ALA A 82 -14.57 -2.78 9.93
C ALA A 82 -15.01 -1.61 10.84
N GLU A 83 -15.95 -0.81 10.40
CA GLU A 83 -16.43 0.22 11.29
C GLU A 83 -16.95 -0.42 12.59
N GLU A 84 -17.76 -1.45 12.45
CA GLU A 84 -18.40 -2.01 13.64
C GLU A 84 -17.39 -2.61 14.60
N VAL A 85 -16.35 -3.31 14.07
CA VAL A 85 -15.31 -3.86 14.92
C VAL A 85 -14.55 -2.76 15.64
N SER A 86 -14.21 -1.71 14.88
N SER A 86 -14.20 -1.73 14.87
CA SER A 86 -13.47 -0.61 15.47
CA SER A 86 -13.47 -0.62 15.45
C SER A 86 -14.29 0.09 16.52
C SER A 86 -14.29 0.00 16.55
N ALA A 87 -15.61 0.15 16.33
CA ALA A 87 -16.45 0.74 17.38
C ALA A 87 -16.43 -0.13 18.66
N LEU A 88 -16.44 -1.42 18.47
CA LEU A 88 -16.48 -2.36 19.58
C LEU A 88 -15.23 -2.22 20.40
N VAL A 89 -14.07 -2.32 19.72
CA VAL A 89 -12.80 -2.10 20.39
C VAL A 89 -12.84 -0.85 21.26
N ARG A 90 -13.25 0.25 20.63
CA ARG A 90 -13.27 1.53 21.32
C ARG A 90 -14.22 1.49 22.49
N SER A 91 -15.31 0.74 22.40
CA SER A 91 -16.24 0.63 23.51
C SER A 91 -15.69 -0.18 24.68
N LEU A 92 -14.63 -0.97 24.52
CA LEU A 92 -14.04 -1.86 25.52
C LEU A 92 -13.01 -1.10 26.34
N PRO A 93 -12.93 -1.36 27.63
CA PRO A 93 -11.86 -0.81 28.45
C PRO A 93 -10.51 -1.25 27.92
N LYS A 94 -9.50 -0.42 28.17
CA LYS A 94 -8.19 -0.67 27.59
C LYS A 94 -7.71 -2.08 27.87
N GLU A 95 -7.79 -2.50 29.14
CA GLU A 95 -7.27 -3.81 29.46
C GLU A 95 -8.05 -4.94 28.78
N GLU A 96 -9.21 -4.66 28.18
CA GLU A 96 -10.00 -5.65 27.45
C GLU A 96 -9.81 -5.58 25.94
N GLN A 97 -9.13 -4.55 25.40
CA GLN A 97 -9.02 -4.47 23.96
C GLN A 97 -8.08 -5.54 23.42
N PRO A 98 -8.36 -6.04 22.23
CA PRO A 98 -7.51 -7.10 21.69
C PRO A 98 -6.13 -6.56 21.40
N LYS A 99 -5.15 -7.46 21.43
N LYS A 99 -5.15 -7.46 21.43
CA LYS A 99 -3.83 -7.13 20.90
CA LYS A 99 -3.82 -7.15 20.90
C LYS A 99 -3.71 -7.53 19.43
C LYS A 99 -3.72 -7.50 19.42
N GLN A 100 -4.52 -8.48 18.99
CA GLN A 100 -4.60 -8.86 17.59
C GLN A 100 -6.01 -9.17 17.18
N ILE A 101 -6.30 -8.94 15.91
CA ILE A 101 -7.57 -9.26 15.29
C ILE A 101 -7.25 -10.01 14.02
N ILE A 102 -7.63 -11.29 14.00
CA ILE A 102 -7.51 -12.17 12.84
C ILE A 102 -8.78 -12.14 12.02
N VAL A 103 -8.67 -11.76 10.73
CA VAL A 103 -9.81 -11.80 9.81
C VAL A 103 -9.84 -13.11 9.07
N THR A 104 -11.01 -13.62 8.82
CA THR A 104 -11.00 -14.90 8.18
C THR A 104 -10.94 -14.81 6.66
N ARG A 105 -11.08 -13.60 6.10
CA ARG A 105 -10.95 -13.38 4.67
C ARG A 105 -10.05 -12.18 4.41
N LYS A 106 -9.11 -12.34 3.47
CA LYS A 106 -8.06 -11.35 3.26
C LYS A 106 -8.60 -10.00 2.79
N ALA A 107 -9.81 -9.99 2.21
CA ALA A 107 -10.44 -8.77 1.76
C ALA A 107 -10.73 -7.84 2.93
N MET A 108 -10.76 -8.32 4.19
CA MET A 108 -11.08 -7.46 5.31
C MET A 108 -9.82 -6.71 5.83
N LEU A 109 -8.60 -7.09 5.36
CA LEU A 109 -7.39 -6.57 5.98
C LEU A 109 -7.29 -5.05 5.85
N ASP A 110 -7.44 -4.51 4.61
CA ASP A 110 -7.33 -3.06 4.42
C ASP A 110 -8.47 -2.30 5.12
N PRO A 111 -9.75 -2.72 4.95
CA PRO A 111 -10.85 -1.99 5.58
C PRO A 111 -10.60 -1.89 7.07
N LEU A 112 -10.21 -3.02 7.68
CA LEU A 112 -10.01 -2.99 9.12
C LEU A 112 -8.78 -2.17 9.51
N GLU A 113 -7.65 -2.43 8.81
CA GLU A 113 -6.44 -1.65 9.06
C GLU A 113 -6.69 -0.13 9.01
N VAL A 114 -7.39 0.34 7.97
CA VAL A 114 -7.74 1.78 7.90
C VAL A 114 -8.67 2.22 9.06
N HIS A 115 -9.64 1.39 9.44
CA HIS A 115 -10.51 1.84 10.55
C HIS A 115 -9.79 1.84 11.89
N MET A 116 -8.66 1.15 12.00
CA MET A 116 -8.04 0.96 13.31
C MET A 116 -6.76 1.78 13.38
N LEU A 117 -6.63 2.79 12.51
CA LEU A 117 -5.38 3.55 12.50
C LEU A 117 -5.09 4.18 13.86
N ASP A 118 -6.12 4.53 14.62
CA ASP A 118 -5.94 5.01 15.97
C ASP A 118 -5.34 3.95 16.91
N PHE A 119 -5.35 2.68 16.51
CA PHE A 119 -4.83 1.58 17.31
C PHE A 119 -3.61 0.97 16.63
N PRO A 120 -2.52 1.73 16.50
CA PRO A 120 -1.29 1.17 15.89
C PRO A 120 -0.72 -0.09 16.52
N ASN A 121 -0.91 -0.33 17.80
CA ASN A 121 -0.39 -1.51 18.47
C ASN A 121 -1.28 -2.74 18.38
N ILE A 122 -2.41 -2.70 17.68
CA ILE A 122 -3.25 -3.88 17.49
C ILE A 122 -2.93 -4.48 16.12
N ALA A 123 -2.45 -5.70 16.13
CA ALA A 123 -1.99 -6.30 14.89
C ALA A 123 -3.20 -6.84 14.17
N ILE A 124 -3.36 -6.50 12.87
CA ILE A 124 -4.42 -7.04 12.03
C ILE A 124 -3.80 -8.14 11.17
N ARG A 125 -4.30 -9.38 11.30
CA ARG A 125 -3.70 -10.54 10.68
C ARG A 125 -4.68 -11.31 9.81
N PRO A 126 -4.19 -11.93 8.74
CA PRO A 126 -4.99 -12.93 8.05
C PRO A 126 -4.68 -14.32 8.59
N THR A 127 -5.39 -15.34 8.07
CA THR A 127 -5.10 -16.73 8.45
C THR A 127 -5.14 -17.63 7.22
N GLU A 128 -4.33 -18.69 7.25
N GLU A 128 -4.35 -18.70 7.24
CA GLU A 128 -4.38 -19.75 6.25
CA GLU A 128 -4.47 -19.71 6.20
C GLU A 128 -5.40 -20.84 6.60
C GLU A 128 -5.44 -20.82 6.58
N LEU A 129 -5.99 -20.80 7.79
CA LEU A 129 -6.95 -21.80 8.20
C LEU A 129 -8.27 -21.59 7.47
N ARG A 130 -8.91 -22.69 7.05
CA ARG A 130 -10.29 -22.64 6.57
C ARG A 130 -11.19 -22.84 7.79
N LEU A 131 -11.60 -21.75 8.39
CA LEU A 131 -12.42 -21.90 9.57
C LEU A 131 -13.90 -21.84 9.17
N PRO A 132 -14.80 -22.67 9.78
CA PRO A 132 -16.16 -22.77 9.25
C PRO A 132 -17.13 -21.81 9.93
N PHE A 133 -16.70 -20.58 10.21
CA PHE A 133 -17.58 -19.65 10.91
C PHE A 133 -18.81 -19.27 10.11
N SER A 134 -18.80 -19.42 8.77
CA SER A 134 -19.98 -19.13 7.98
C SER A 134 -21.17 -19.94 8.47
N ALA A 135 -20.94 -21.08 9.08
CA ALA A 135 -22.08 -21.89 9.53
C ALA A 135 -22.72 -21.38 10.84
N ALA A 136 -22.25 -20.23 11.37
CA ALA A 136 -22.79 -19.68 12.60
C ALA A 136 -24.29 -19.50 12.50
N MET A 137 -24.78 -19.13 11.32
CA MET A 137 -26.21 -19.00 11.11
C MET A 137 -26.93 -20.34 11.03
N SER A 138 -26.23 -21.46 11.16
CA SER A 138 -26.87 -22.76 11.37
C SER A 138 -27.06 -23.08 12.86
N ILE A 139 -26.65 -22.19 13.75
CA ILE A 139 -26.99 -22.29 15.16
C ILE A 139 -28.34 -21.60 15.35
N ASP A 140 -29.33 -22.37 15.78
CA ASP A 140 -30.72 -21.92 15.73
C ASP A 140 -30.94 -20.65 16.51
N LYS A 141 -30.41 -20.58 17.75
CA LYS A 141 -30.58 -19.38 18.57
C LYS A 141 -29.90 -18.14 17.98
N LEU A 142 -28.83 -18.31 17.18
CA LEU A 142 -28.14 -17.17 16.57
C LEU A 142 -28.91 -16.70 15.31
N SER A 143 -29.22 -17.67 14.43
CA SER A 143 -30.19 -17.46 13.38
C SER A 143 -31.44 -16.77 13.90
N ASP A 144 -32.00 -17.20 15.02
CA ASP A 144 -33.27 -16.63 15.44
C ASP A 144 -33.13 -15.15 15.80
N VAL A 145 -32.05 -14.76 16.47
CA VAL A 145 -31.95 -13.41 16.96
C VAL A 145 -31.66 -12.49 15.79
N VAL A 146 -30.86 -12.95 14.82
CA VAL A 146 -30.62 -12.15 13.61
C VAL A 146 -31.92 -11.89 12.86
N MET A 147 -32.70 -12.96 12.65
N MET A 147 -32.70 -12.95 12.62
N MET A 147 -32.71 -12.95 12.63
CA MET A 147 -33.87 -12.93 11.79
CA MET A 147 -33.87 -12.84 11.76
CA MET A 147 -33.85 -12.80 11.74
C MET A 147 -35.00 -12.10 12.38
C MET A 147 -34.95 -11.96 12.40
C MET A 147 -34.99 -12.00 12.39
N LYS A 148 -35.12 -12.05 13.71
CA LYS A 148 -36.14 -11.25 14.36
C LYS A 148 -35.74 -9.80 14.58
N ALA A 149 -34.49 -9.43 14.38
CA ALA A 149 -34.08 -8.10 14.76
C ALA A 149 -34.70 -7.08 13.84
N THR A 150 -35.15 -5.97 14.43
CA THR A 150 -35.85 -4.91 13.72
C THR A 150 -35.02 -3.65 13.69
N GLU A 151 -33.90 -3.64 14.38
CA GLU A 151 -32.98 -2.50 14.41
C GLU A 151 -31.60 -3.03 14.48
N PRO A 152 -30.55 -2.25 14.25
CA PRO A 152 -29.19 -2.63 14.63
C PRO A 152 -29.12 -3.02 16.11
N GLN A 153 -28.29 -4.01 16.41
CA GLN A 153 -28.26 -4.59 17.73
C GLN A 153 -27.07 -5.53 17.88
N MET A 154 -26.42 -5.43 19.05
CA MET A 154 -25.32 -6.25 19.50
C MET A 154 -25.84 -7.22 20.56
N VAL A 155 -25.70 -8.47 20.29
CA VAL A 155 -26.02 -9.51 21.30
C VAL A 155 -24.77 -10.27 21.61
N LEU A 156 -24.53 -10.59 22.91
CA LEU A 156 -23.37 -11.30 23.38
C LEU A 156 -23.80 -12.72 23.71
N PHE A 157 -22.94 -13.68 23.32
CA PHE A 157 -23.08 -15.11 23.63
C PHE A 157 -21.73 -15.60 24.08
N ASN A 158 -21.72 -16.73 24.81
CA ASN A 158 -20.55 -17.60 24.95
C ASN A 158 -20.75 -18.80 24.02
N ILE A 159 -20.05 -18.83 22.88
CA ILE A 159 -20.18 -19.97 21.97
C ILE A 159 -19.78 -21.34 22.54
N TYR A 160 -19.10 -21.40 23.68
CA TYR A 160 -18.69 -22.66 24.27
C TYR A 160 -19.62 -23.15 25.39
N ASP A 161 -20.73 -22.47 25.62
CA ASP A 161 -21.67 -22.78 26.71
C ASP A 161 -20.84 -22.91 27.98
N ASP A 162 -20.92 -24.01 28.72
CA ASP A 162 -20.18 -24.07 29.94
C ASP A 162 -18.94 -24.92 29.81
N TRP A 163 -18.46 -25.13 28.57
CA TRP A 163 -17.56 -26.26 28.34
C TRP A 163 -16.21 -26.02 28.99
N LEU A 164 -15.77 -24.77 29.10
CA LEU A 164 -14.49 -24.48 29.74
C LEU A 164 -14.43 -24.95 31.20
N ASP A 165 -15.57 -25.19 31.84
CA ASP A 165 -15.53 -25.78 33.20
C ASP A 165 -14.87 -27.14 33.21
N ARG A 166 -14.95 -27.86 32.09
CA ARG A 166 -14.43 -29.24 32.04
C ARG A 166 -13.27 -29.45 31.08
N ILE A 167 -13.07 -28.58 30.09
CA ILE A 167 -12.03 -28.78 29.10
C ILE A 167 -11.32 -27.46 28.84
N SER A 168 -10.20 -27.55 28.15
CA SER A 168 -9.41 -26.37 27.82
C SER A 168 -9.96 -25.67 26.56
N SER A 169 -9.53 -24.42 26.40
N SER A 169 -9.50 -24.44 26.36
CA SER A 169 -9.92 -23.65 25.22
CA SER A 169 -9.95 -23.66 25.21
C SER A 169 -9.56 -24.42 23.97
C SER A 169 -9.52 -24.31 23.92
N TYR A 170 -8.32 -24.88 23.88
CA TYR A 170 -7.90 -25.61 22.70
C TYR A 170 -8.93 -26.67 22.33
N THR A 171 -9.29 -27.55 23.26
CA THR A 171 -10.28 -28.57 22.98
C THR A 171 -11.64 -27.96 22.69
N ALA A 172 -12.00 -26.90 23.41
CA ALA A 172 -13.28 -26.27 23.16
C ALA A 172 -13.33 -25.71 21.74
N PHE A 173 -12.27 -25.05 21.31
CA PHE A 173 -12.28 -24.50 19.95
C PHE A 173 -12.37 -25.60 18.90
N SER A 174 -11.63 -26.72 19.14
CA SER A 174 -11.69 -27.87 18.24
C SER A 174 -13.10 -28.41 18.15
N ARG A 175 -13.73 -28.62 19.30
CA ARG A 175 -15.11 -29.08 19.30
C ARG A 175 -15.95 -28.13 18.47
N LEU A 176 -15.81 -26.83 18.66
CA LEU A 176 -16.62 -25.85 17.94
C LEU A 176 -16.39 -25.92 16.44
N THR A 177 -15.13 -26.02 16.02
CA THR A 177 -14.83 -26.05 14.59
C THR A 177 -15.38 -27.33 14.01
N LEU A 178 -15.36 -28.42 14.77
CA LEU A 178 -15.84 -29.67 14.20
C LEU A 178 -17.35 -29.61 14.04
N LEU A 179 -18.03 -29.05 15.04
CA LEU A 179 -19.48 -28.90 14.90
C LEU A 179 -19.82 -27.99 13.73
N LEU A 180 -19.14 -26.87 13.59
CA LEU A 180 -19.48 -25.95 12.52
C LEU A 180 -19.15 -26.54 11.15
N ARG A 181 -17.96 -27.10 10.98
CA ARG A 181 -17.69 -27.85 9.75
C ARG A 181 -18.84 -28.80 9.40
N ALA A 182 -19.32 -29.59 10.37
CA ALA A 182 -20.41 -30.51 10.05
C ALA A 182 -21.66 -29.75 9.61
N LEU A 183 -22.06 -28.71 10.36
CA LEU A 183 -23.22 -27.95 9.95
C LEU A 183 -23.08 -27.41 8.54
N LYS A 184 -21.83 -27.09 8.12
CA LYS A 184 -21.58 -26.49 6.83
C LYS A 184 -21.62 -27.51 5.72
N THR A 185 -21.27 -28.77 6.02
N THR A 185 -21.29 -28.77 6.00
CA THR A 185 -21.24 -29.80 4.99
CA THR A 185 -21.26 -29.79 4.96
C THR A 185 -22.61 -30.46 4.81
C THR A 185 -22.60 -30.51 4.82
N ASN A 186 -23.34 -30.70 5.90
CA ASN A 186 -24.70 -31.23 5.81
C ASN A 186 -25.48 -30.74 7.04
N GLU A 187 -26.15 -29.60 6.88
CA GLU A 187 -26.89 -29.04 7.98
C GLU A 187 -27.96 -30.01 8.47
N GLU A 188 -28.78 -30.54 7.58
CA GLU A 188 -29.84 -31.43 8.04
C GLU A 188 -29.26 -32.53 8.90
N SER A 189 -28.29 -33.27 8.36
CA SER A 189 -27.73 -34.40 9.09
C SER A 189 -27.07 -33.93 10.38
N ALA A 190 -26.24 -32.90 10.33
CA ALA A 190 -25.64 -32.39 11.56
C ALA A 190 -26.69 -32.13 12.64
N LYS A 191 -27.76 -31.41 12.28
CA LYS A 191 -28.78 -31.11 13.28
C LYS A 191 -29.48 -32.36 13.74
N MET A 192 -29.77 -33.28 12.82
CA MET A 192 -30.34 -34.56 13.22
CA MET A 192 -30.32 -34.58 13.20
C MET A 192 -29.47 -35.20 14.30
N ILE A 193 -28.15 -35.20 14.11
CA ILE A 193 -27.24 -35.79 15.10
C ILE A 193 -27.38 -35.09 16.42
N LEU A 194 -27.53 -33.78 16.40
CA LEU A 194 -27.42 -33.02 17.62
C LEU A 194 -28.64 -33.17 18.52
N LEU A 195 -29.78 -33.50 17.95
CA LEU A 195 -31.04 -33.48 18.67
C LEU A 195 -31.76 -34.81 18.54
N SER A 196 -31.07 -35.88 18.14
CA SER A 196 -31.77 -37.14 17.94
C SER A 196 -32.38 -37.66 19.24
N ASP A 197 -31.72 -37.40 20.36
CA ASP A 197 -32.07 -37.94 21.67
C ASP A 197 -32.85 -36.89 22.45
N PRO A 198 -34.18 -36.94 22.49
CA PRO A 198 -34.95 -35.86 23.13
C PRO A 198 -34.61 -35.65 24.58
N THR A 199 -33.94 -36.62 25.23
CA THR A 199 -33.61 -36.48 26.64
C THR A 199 -32.42 -35.57 26.91
N ILE A 200 -31.64 -35.22 25.89
CA ILE A 200 -30.57 -34.25 26.01
C ILE A 200 -31.11 -32.94 25.48
N THR A 201 -31.17 -31.92 26.32
CA THR A 201 -31.74 -30.64 25.91
C THR A 201 -30.72 -29.51 25.95
N ILE A 202 -31.11 -28.41 25.31
CA ILE A 202 -30.38 -27.16 25.25
C ILE A 202 -30.91 -26.27 26.37
N LYS A 203 -30.06 -25.95 27.32
CA LYS A 203 -30.47 -25.02 28.38
C LYS A 203 -30.82 -23.66 27.78
N SER A 204 -31.83 -23.02 28.38
CA SER A 204 -32.21 -21.69 27.99
C SER A 204 -31.02 -20.78 27.73
N TYR A 205 -30.00 -20.86 28.58
CA TYR A 205 -28.87 -19.94 28.52
C TYR A 205 -27.68 -20.50 27.71
N HIS A 206 -27.89 -21.55 26.94
CA HIS A 206 -26.86 -22.21 26.14
C HIS A 206 -27.30 -22.27 24.68
N LEU A 207 -26.32 -22.63 23.86
CA LEU A 207 -26.55 -22.77 22.44
C LEU A 207 -26.58 -24.20 21.95
N TRP A 208 -25.87 -25.10 22.63
CA TRP A 208 -25.68 -26.46 22.26
C TRP A 208 -26.26 -27.33 23.40
N PRO A 209 -26.53 -28.56 23.12
CA PRO A 209 -27.12 -29.45 24.14
C PRO A 209 -26.23 -29.76 25.34
N SER A 210 -26.86 -30.28 26.40
CA SER A 210 -26.14 -30.62 27.63
C SER A 210 -25.69 -32.09 27.58
N PHE A 211 -24.59 -32.32 26.84
CA PHE A 211 -24.01 -33.64 26.69
C PHE A 211 -23.01 -33.90 27.81
N THR A 212 -23.10 -35.09 28.41
CA THR A 212 -22.03 -35.55 29.27
C THR A 212 -20.76 -35.72 28.45
N ASP A 213 -19.62 -35.83 29.17
CA ASP A 213 -18.34 -36.05 28.50
C ASP A 213 -18.41 -37.21 27.52
N GLU A 214 -18.94 -38.35 27.98
CA GLU A 214 -19.02 -39.51 27.12
C GLU A 214 -19.92 -39.24 25.91
N GLN A 215 -21.03 -38.56 26.13
CA GLN A 215 -21.94 -38.28 25.02
C GLN A 215 -21.30 -37.34 24.01
N TRP A 216 -20.37 -36.48 24.44
CA TRP A 216 -19.70 -35.56 23.51
C TRP A 216 -18.75 -36.33 22.59
N ILE A 217 -18.09 -37.35 23.13
CA ILE A 217 -17.27 -38.24 22.32
C ILE A 217 -18.11 -38.88 21.23
N THR A 218 -19.23 -39.48 21.62
CA THR A 218 -20.13 -40.08 20.63
C THR A 218 -20.53 -39.06 19.58
N ILE A 219 -20.95 -37.87 20.03
CA ILE A 219 -21.33 -36.79 19.13
C ILE A 219 -20.18 -36.44 18.22
N GLU A 220 -19.02 -36.14 18.80
CA GLU A 220 -17.86 -35.78 17.98
C GLU A 220 -17.53 -36.88 16.98
N SER A 221 -17.65 -38.13 17.38
N SER A 221 -17.65 -38.14 17.37
CA SER A 221 -17.42 -39.23 16.46
CA SER A 221 -17.40 -39.22 16.42
C SER A 221 -18.39 -39.16 15.28
C SER A 221 -18.39 -39.15 15.27
N GLN A 222 -19.67 -38.92 15.57
CA GLN A 222 -20.69 -38.92 14.51
C GLN A 222 -20.52 -37.74 13.55
N MET A 223 -20.06 -36.61 14.06
CA MET A 223 -19.75 -35.47 13.21
C MET A 223 -18.58 -35.77 12.28
N ARG A 224 -17.53 -36.42 12.78
N ARG A 224 -17.53 -36.44 12.77
CA ARG A 224 -16.44 -36.86 11.92
CA ARG A 224 -16.44 -36.84 11.89
C ARG A 224 -16.96 -37.80 10.84
C ARG A 224 -16.91 -37.83 10.83
N ASP A 225 -17.72 -38.82 11.25
CA ASP A 225 -18.28 -39.76 10.27
CA ASP A 225 -18.28 -39.76 10.27
C ASP A 225 -19.01 -39.01 9.16
N LEU A 226 -19.81 -37.98 9.53
CA LEU A 226 -20.61 -37.24 8.56
C LEU A 226 -19.75 -36.41 7.63
N ILE A 227 -18.68 -35.82 8.14
CA ILE A 227 -17.79 -35.05 7.29
C ILE A 227 -17.07 -35.98 6.33
N LEU A 228 -16.77 -37.20 6.77
CA LEU A 228 -16.18 -38.17 5.85
C LEU A 228 -17.25 -38.70 4.89
N THR A 229 -18.41 -39.06 5.42
CA THR A 229 -19.53 -39.46 4.58
C THR A 229 -19.75 -38.48 3.44
N GLU A 230 -19.98 -37.20 3.76
CA GLU A 230 -20.26 -36.22 2.70
C GLU A 230 -19.07 -36.06 1.75
N TYR A 231 -17.85 -36.12 2.29
CA TYR A 231 -16.68 -36.14 1.43
C TYR A 231 -16.71 -37.34 0.52
N GLY A 232 -17.16 -38.49 1.03
CA GLY A 232 -17.34 -39.66 0.18
C GLY A 232 -18.48 -39.50 -0.83
N ARG A 233 -19.55 -38.80 -0.43
CA ARG A 233 -20.64 -38.59 -1.35
C ARG A 233 -20.25 -37.56 -2.41
N LYS A 234 -19.56 -36.50 -2.00
CA LYS A 234 -19.12 -35.50 -2.95
C LYS A 234 -18.22 -36.12 -4.02
N TYR A 235 -17.11 -36.70 -3.58
CA TYR A 235 -16.03 -37.13 -4.46
C TYR A 235 -16.16 -38.57 -4.95
N ASN A 236 -17.15 -39.33 -4.48
CA ASN A 236 -17.34 -40.72 -4.89
C ASN A 236 -16.10 -41.56 -4.57
N VAL A 237 -15.94 -41.81 -3.27
CA VAL A 237 -14.81 -42.59 -2.78
C VAL A 237 -15.26 -43.84 -2.05
N MET B 5 25.34 30.72 -22.53
CA MET B 5 25.81 29.32 -22.31
C MET B 5 26.94 29.25 -21.29
N ASN B 6 26.82 28.34 -20.33
CA ASN B 6 27.73 28.30 -19.20
C ASN B 6 28.60 27.05 -19.22
N THR B 7 29.49 26.96 -18.26
CA THR B 7 30.59 25.99 -18.28
C THR B 7 30.86 25.40 -16.88
N VAL B 8 31.13 24.11 -16.82
CA VAL B 8 31.60 23.46 -15.59
C VAL B 8 32.97 22.88 -15.96
N PRO B 9 34.05 23.58 -15.72
CA PRO B 9 35.37 22.98 -16.02
C PRO B 9 35.70 21.91 -14.99
N PHE B 10 36.58 20.95 -15.38
CA PHE B 10 37.19 19.99 -14.49
C PHE B 10 38.65 20.36 -14.34
N THR B 11 39.18 20.23 -13.12
CA THR B 11 40.61 20.39 -12.92
C THR B 11 41.37 19.34 -13.72
N SER B 12 40.88 18.09 -13.73
CA SER B 12 41.54 16.95 -14.35
C SER B 12 40.61 15.74 -14.21
N ALA B 13 41.00 14.64 -14.85
CA ALA B 13 40.24 13.39 -14.82
C ALA B 13 41.22 12.27 -14.51
N PRO B 14 41.60 12.11 -13.25
CA PRO B 14 42.62 11.09 -12.91
C PRO B 14 42.13 9.64 -12.99
N ILE B 15 40.85 9.39 -12.72
CA ILE B 15 40.33 8.04 -12.86
C ILE B 15 39.28 7.95 -13.95
N GLU B 16 39.28 6.79 -14.60
CA GLU B 16 38.36 6.48 -15.69
C GLU B 16 36.92 6.45 -15.19
N VAL B 17 36.04 7.12 -15.92
CA VAL B 17 34.68 7.45 -15.43
C VAL B 17 33.76 7.66 -16.64
N THR B 18 32.56 7.08 -16.56
CA THR B 18 31.45 7.49 -17.38
C THR B 18 30.79 8.71 -16.72
N ILE B 19 30.81 9.81 -17.48
CA ILE B 19 30.27 11.07 -17.00
C ILE B 19 28.90 11.24 -17.64
N GLY B 20 27.89 11.53 -16.86
CA GLY B 20 26.63 11.87 -17.49
C GLY B 20 26.26 13.31 -17.24
N ILE B 21 25.59 14.02 -18.19
CA ILE B 21 25.19 15.44 -18.22
C ILE B 21 23.73 15.41 -18.72
N ASP B 22 22.76 15.73 -17.88
CA ASP B 22 21.32 15.63 -18.21
C ASP B 22 21.02 14.24 -18.81
N GLN B 23 20.43 14.05 -20.01
CA GLN B 23 20.07 12.71 -20.50
C GLN B 23 21.16 12.15 -21.42
N TYR B 24 22.32 12.81 -21.55
CA TYR B 24 23.46 12.31 -22.35
C TYR B 24 24.59 11.83 -21.43
N SER B 25 25.42 10.93 -21.96
CA SER B 25 26.62 10.44 -21.24
C SER B 25 27.75 10.22 -22.22
N PHE B 26 28.98 10.26 -21.72
CA PHE B 26 30.24 10.06 -22.47
C PHE B 26 31.26 9.43 -21.56
N ASN B 27 32.23 8.76 -22.16
CA ASN B 27 33.32 8.04 -21.46
C ASN B 27 34.58 8.92 -21.40
N VAL B 28 35.19 9.07 -20.23
CA VAL B 28 36.53 9.71 -20.08
C VAL B 28 37.52 8.61 -19.62
N LYS B 29 38.71 8.50 -20.20
CA LYS B 29 39.70 7.52 -19.79
C LYS B 29 40.61 8.08 -18.69
N GLU B 30 41.24 7.16 -17.95
CA GLU B 30 42.11 7.54 -16.83
C GLU B 30 43.20 8.50 -17.30
N ASN B 31 43.29 9.66 -16.64
CA ASN B 31 44.28 10.68 -16.99
C ASN B 31 44.17 11.14 -18.45
N GLN B 32 42.98 11.06 -19.03
CA GLN B 32 42.75 11.70 -20.32
C GLN B 32 42.74 13.22 -20.11
N PRO B 33 43.15 14.00 -21.12
CA PRO B 33 43.16 15.49 -21.00
C PRO B 33 41.78 16.13 -21.17
N PHE B 34 40.94 15.92 -20.17
CA PHE B 34 39.56 16.37 -20.17
C PHE B 34 39.38 17.51 -19.20
N HIS B 35 38.88 18.66 -19.67
CA HIS B 35 38.69 19.77 -18.74
C HIS B 35 37.25 20.31 -18.66
N GLY B 36 36.27 19.44 -18.92
CA GLY B 36 34.86 19.82 -18.65
C GLY B 36 33.88 19.90 -19.80
N ILE B 37 32.71 20.47 -19.49
CA ILE B 37 31.53 20.58 -20.38
C ILE B 37 31.26 22.06 -20.61
N LYS B 38 31.08 22.49 -21.84
CA LYS B 38 30.82 23.90 -22.20
C LYS B 38 29.42 24.02 -22.79
N ASP B 39 28.95 25.23 -23.17
CA ASP B 39 27.65 25.44 -23.83
C ASP B 39 26.41 24.87 -23.08
N ILE B 40 26.37 24.92 -21.75
CA ILE B 40 25.25 24.35 -20.98
C ILE B 40 24.11 25.37 -20.97
N PRO B 41 22.89 24.97 -21.35
CA PRO B 41 21.82 25.95 -21.44
C PRO B 41 21.55 26.61 -20.12
N ILE B 42 21.52 27.86 -20.15
CA ILE B 42 21.04 28.68 -19.05
C ILE B 42 19.52 28.61 -19.08
N GLY B 43 18.93 28.62 -17.89
CA GLY B 43 17.49 28.64 -17.72
C GLY B 43 16.96 27.41 -17.07
N HIS B 44 17.72 26.33 -17.12
CA HIS B 44 17.33 25.07 -16.50
C HIS B 44 18.25 24.60 -15.39
N VAL B 45 17.70 23.76 -14.50
N VAL B 45 17.69 23.84 -14.43
CA VAL B 45 18.50 23.04 -13.53
CA VAL B 45 18.56 23.08 -13.54
C VAL B 45 19.14 21.82 -14.18
C VAL B 45 19.32 22.09 -14.41
N HIS B 46 20.40 21.58 -13.86
CA HIS B 46 21.09 20.45 -14.46
C HIS B 46 21.58 19.44 -13.41
N VAL B 47 22.05 18.29 -13.93
CA VAL B 47 22.66 17.28 -13.09
C VAL B 47 23.85 16.71 -13.84
N ILE B 48 25.02 16.85 -13.27
N ILE B 48 25.02 16.83 -13.26
CA ILE B 48 26.19 16.10 -13.74
CA ILE B 48 26.20 16.11 -13.71
C ILE B 48 26.42 14.92 -12.80
C ILE B 48 26.31 14.90 -12.81
N HIS B 49 26.67 13.75 -13.38
CA HIS B 49 26.69 12.54 -12.58
C HIS B 49 27.81 11.63 -13.04
N PHE B 50 28.08 10.58 -12.26
CA PHE B 50 29.32 9.85 -12.38
C PHE B 50 29.15 8.37 -12.08
N GLN B 51 29.83 7.55 -12.88
CA GLN B 51 29.94 6.13 -12.55
C GLN B 51 31.37 5.69 -12.90
N HIS B 52 32.14 5.32 -11.89
CA HIS B 52 33.51 4.98 -12.10
C HIS B 52 33.64 3.68 -12.87
N ALA B 53 34.67 3.63 -13.70
CA ALA B 53 34.96 2.43 -14.44
C ALA B 53 35.19 1.25 -13.52
N ASP B 54 36.02 1.42 -12.50
CA ASP B 54 36.56 0.27 -11.79
C ASP B 54 35.60 -0.24 -10.73
N ASN B 55 34.72 0.60 -10.21
CA ASN B 55 33.71 0.18 -9.24
C ASN B 55 32.42 0.86 -9.69
N SER B 56 31.65 0.15 -10.51
CA SER B 56 30.35 0.62 -10.94
C SER B 56 29.39 0.76 -9.75
N SER B 57 29.86 0.40 -8.55
CA SER B 57 29.08 0.68 -7.34
C SER B 57 29.13 2.19 -7.06
N MET B 58 28.02 2.72 -6.59
N MET B 58 27.99 2.72 -6.62
CA MET B 58 27.91 4.16 -6.32
CA MET B 58 27.81 4.13 -6.30
C MET B 58 27.93 4.99 -7.60
C MET B 58 27.89 5.02 -7.53
N ARG B 59 26.75 5.17 -8.20
CA ARG B 59 26.50 6.33 -9.05
C ARG B 59 26.23 7.51 -8.11
N TYR B 60 26.74 8.71 -8.45
CA TYR B 60 26.59 9.90 -7.60
C TYR B 60 26.72 11.09 -8.54
N GLY B 61 26.19 12.25 -8.12
CA GLY B 61 26.15 13.41 -9.00
C GLY B 61 25.63 14.62 -8.23
N TYR B 62 25.65 15.74 -8.90
CA TYR B 62 25.31 17.07 -8.40
C TYR B 62 24.25 17.71 -9.27
N TRP B 63 23.18 18.20 -8.59
CA TRP B 63 22.17 19.04 -9.18
C TRP B 63 22.63 20.47 -9.03
N PHE B 64 22.48 21.27 -10.07
CA PHE B 64 23.01 22.62 -9.96
C PHE B 64 22.35 23.53 -11.00
N ASP B 65 22.51 24.84 -10.79
CA ASP B 65 22.02 25.88 -11.70
C ASP B 65 23.10 26.94 -11.89
N CYS B 66 23.43 27.22 -13.16
CA CYS B 66 24.57 28.05 -13.50
C CYS B 66 24.36 29.49 -13.14
N ARG B 67 23.14 29.90 -12.93
CA ARG B 67 22.83 31.24 -12.52
C ARG B 67 23.14 31.46 -11.04
N MET B 68 23.32 30.40 -10.26
N MET B 68 23.33 30.39 -10.27
CA MET B 68 23.60 30.54 -8.83
CA MET B 68 23.59 30.50 -8.84
C MET B 68 25.08 30.54 -8.48
C MET B 68 25.08 30.55 -8.49
N GLY B 69 25.97 30.47 -9.46
CA GLY B 69 27.40 30.57 -9.18
C GLY B 69 28.25 29.92 -10.25
N ASN B 70 29.55 30.13 -10.13
CA ASN B 70 30.54 29.37 -10.91
C ASN B 70 30.91 28.08 -10.19
N PHE B 71 30.69 26.94 -10.85
CA PHE B 71 30.98 25.64 -10.30
C PHE B 71 31.95 24.88 -11.19
N TYR B 72 32.80 24.14 -10.54
CA TYR B 72 33.79 23.27 -11.18
C TYR B 72 33.84 21.96 -10.43
N ILE B 73 34.51 20.97 -11.06
CA ILE B 73 34.63 19.59 -10.59
C ILE B 73 36.12 19.27 -10.44
N GLN B 74 36.52 18.70 -9.28
CA GLN B 74 37.89 18.31 -9.00
C GLN B 74 37.84 16.97 -8.28
N TYR B 75 38.71 16.04 -8.71
CA TYR B 75 38.75 14.74 -8.08
C TYR B 75 39.43 14.88 -6.72
N ASP B 76 38.85 14.26 -5.71
CA ASP B 76 39.50 14.21 -4.42
C ASP B 76 40.04 12.82 -4.26
N PRO B 77 41.36 12.63 -4.19
CA PRO B 77 41.90 11.26 -4.14
C PRO B 77 41.82 10.67 -2.76
N LYS B 78 41.42 11.48 -1.75
CA LYS B 78 41.24 10.94 -0.40
C LYS B 78 39.86 10.31 -0.26
N ASP B 79 38.83 11.06 -0.62
CA ASP B 79 37.46 10.55 -0.60
C ASP B 79 37.12 9.83 -1.87
N GLY B 80 38.02 9.84 -2.86
CA GLY B 80 37.80 9.01 -4.02
C GLY B 80 36.58 9.37 -4.85
N LEU B 81 36.30 10.66 -4.99
CA LEU B 81 35.28 10.96 -5.97
C LEU B 81 35.44 12.33 -6.60
N TYR B 82 34.75 12.51 -7.74
CA TYR B 82 34.63 13.83 -8.39
C TYR B 82 33.73 14.73 -7.54
N LYS B 83 34.25 15.85 -7.09
CA LYS B 83 33.46 16.74 -6.23
C LYS B 83 33.15 18.04 -6.94
N MET B 84 31.93 18.55 -6.79
CA MET B 84 31.62 19.88 -7.24
C MET B 84 32.09 20.85 -6.19
N MET B 85 32.62 21.98 -6.66
CA MET B 85 33.03 23.08 -5.81
C MET B 85 32.63 24.39 -6.46
N GLU B 86 32.51 25.43 -5.65
CA GLU B 86 32.19 26.76 -6.16
C GLU B 86 33.46 27.60 -6.13
N GLU B 87 33.70 28.35 -7.22
CA GLU B 87 34.78 29.31 -7.32
C GLU B 87 34.19 30.68 -7.03
N ARG B 88 34.59 31.29 -5.93
CA ARG B 88 34.07 32.61 -5.64
C ARG B 88 34.81 33.69 -6.41
N ASP B 89 36.06 33.45 -6.81
CA ASP B 89 36.85 34.45 -7.55
C ASP B 89 36.43 34.45 -9.01
N GLY B 90 35.69 35.47 -9.43
CA GLY B 90 35.08 35.43 -10.75
C GLY B 90 36.09 35.52 -11.87
N ALA B 91 37.05 36.44 -11.75
CA ALA B 91 38.04 36.60 -12.82
C ALA B 91 38.93 35.37 -12.93
N LYS B 92 39.27 34.77 -11.79
CA LYS B 92 40.01 33.51 -11.86
C LYS B 92 39.26 32.47 -12.67
N PHE B 93 37.99 32.26 -12.35
CA PHE B 93 37.17 31.29 -13.08
C PHE B 93 37.08 31.63 -14.58
N GLU B 94 36.71 32.86 -14.91
CA GLU B 94 36.61 33.21 -16.32
C GLU B 94 37.93 32.93 -17.03
N ASN B 95 39.06 33.14 -16.34
CA ASN B 95 40.36 32.95 -16.97
C ASN B 95 40.65 31.48 -17.18
N ILE B 96 40.27 30.65 -16.20
CA ILE B 96 40.40 29.20 -16.30
C ILE B 96 39.56 28.68 -17.47
N VAL B 97 38.26 29.02 -17.48
CA VAL B 97 37.42 28.55 -18.59
C VAL B 97 38.00 28.93 -19.94
N HIS B 98 38.32 30.22 -20.12
CA HIS B 98 38.79 30.68 -21.45
C HIS B 98 40.00 29.87 -21.94
N ASN B 99 40.99 29.64 -21.08
CA ASN B 99 42.14 28.85 -21.49
C ASN B 99 41.72 27.46 -21.98
N PHE B 100 40.88 26.76 -21.21
CA PHE B 100 40.48 25.39 -21.59
C PHE B 100 39.66 25.37 -22.90
N LYS B 101 38.82 26.36 -23.10
CA LYS B 101 38.08 26.52 -24.36
C LYS B 101 39.02 26.78 -25.52
N GLU B 102 40.02 27.64 -25.31
CA GLU B 102 41.01 27.86 -26.37
C GLU B 102 41.76 26.57 -26.69
N ARG B 103 42.17 25.82 -25.70
CA ARG B 103 42.88 24.56 -25.94
C ARG B 103 41.95 23.42 -26.37
N GLN B 104 40.64 23.67 -26.45
CA GLN B 104 39.60 22.72 -26.93
C GLN B 104 39.61 21.40 -26.14
N MET B 105 39.72 21.54 -24.82
CA MET B 105 39.73 20.38 -23.94
C MET B 105 38.36 20.14 -23.29
N MET B 106 37.32 20.76 -23.80
CA MET B 106 35.97 20.70 -23.22
C MET B 106 34.98 20.12 -24.21
N VAL B 107 34.14 19.18 -23.77
CA VAL B 107 33.07 18.64 -24.63
C VAL B 107 31.93 19.65 -24.55
N SER B 108 31.11 19.68 -25.60
CA SER B 108 30.02 20.64 -25.74
C SER B 108 28.70 19.98 -25.34
N TYR B 109 27.86 20.64 -24.54
CA TYR B 109 26.51 20.13 -24.17
C TYR B 109 25.83 19.87 -25.53
N PRO B 110 25.47 18.62 -25.88
CA PRO B 110 24.93 18.32 -27.22
C PRO B 110 23.45 18.63 -27.44
N LYS B 111 23.09 19.90 -27.38
CA LYS B 111 21.70 20.35 -27.48
C LYS B 111 21.21 20.33 -28.94
N ILE B 112 20.44 19.31 -29.37
CA ILE B 112 19.76 19.44 -30.66
C ILE B 112 18.67 20.50 -30.58
N ASP B 113 18.50 21.28 -31.65
CA ASP B 113 17.66 22.47 -31.56
C ASP B 113 16.17 22.14 -31.53
N GLU B 114 15.76 21.03 -32.15
CA GLU B 114 14.37 20.58 -32.12
C GLU B 114 13.98 20.03 -30.75
N ASP B 115 14.91 19.83 -29.86
CA ASP B 115 14.74 18.89 -28.76
C ASP B 115 14.38 19.60 -27.46
N ASP B 116 13.15 19.39 -26.98
CA ASP B 116 12.70 19.94 -25.72
C ASP B 116 12.74 18.91 -24.58
N THR B 117 13.54 17.85 -24.69
CA THR B 117 13.42 16.75 -23.73
C THR B 117 13.80 17.15 -22.31
N TRP B 118 14.88 17.92 -22.12
CA TRP B 118 15.30 18.23 -20.78
C TRP B 118 14.28 19.19 -20.13
N TYR B 119 13.92 20.23 -20.89
CA TYR B 119 12.82 21.14 -20.47
C TYR B 119 11.57 20.37 -20.03
N ASN B 120 11.21 19.33 -20.77
CA ASN B 120 9.94 18.67 -20.45
C ASN B 120 10.11 17.78 -19.23
N LEU B 121 11.33 17.34 -18.96
CA LEU B 121 11.58 16.52 -17.80
C LEU B 121 11.83 17.37 -16.57
N THR B 122 12.28 18.61 -16.71
CA THR B 122 12.57 19.49 -15.58
C THR B 122 11.63 20.71 -15.52
N GLU B 123 10.40 20.61 -15.99
CA GLU B 123 9.55 21.83 -16.11
C GLU B 123 9.34 22.51 -14.75
N PHE B 124 9.42 21.78 -13.64
CA PHE B 124 9.17 22.36 -12.30
C PHE B 124 10.27 22.10 -11.28
N VAL B 125 11.47 21.70 -11.70
CA VAL B 125 12.61 21.38 -10.80
C VAL B 125 13.53 22.61 -10.73
N GLN B 126 13.45 23.38 -9.63
N GLN B 126 13.46 23.37 -9.63
CA GLN B 126 14.29 24.59 -9.42
CA GLN B 126 14.28 24.60 -9.41
C GLN B 126 15.44 24.25 -8.48
C GLN B 126 15.44 24.27 -8.46
N MET B 127 16.54 25.15 -8.58
CA MET B 127 17.66 24.69 -7.60
C MET B 127 17.31 24.90 -6.12
N ASP B 128 16.67 26.00 -5.71
CA ASP B 128 16.36 26.30 -4.27
C ASP B 128 15.34 25.32 -3.66
N LYS B 129 14.35 24.88 -4.43
CA LYS B 129 13.30 23.90 -4.04
C LYS B 129 13.96 22.53 -3.88
N ILE B 130 14.95 22.27 -4.71
CA ILE B 130 15.75 21.02 -4.64
C ILE B 130 16.45 20.94 -3.27
N ARG B 131 16.94 22.10 -2.76
CA ARG B 131 17.70 22.37 -1.49
C ARG B 131 16.82 22.12 -0.26
N LYS B 132 15.50 22.12 -0.41
CA LYS B 132 14.56 21.73 0.69
C LYS B 132 14.53 20.19 0.86
N ILE B 133 15.14 19.36 -0.02
CA ILE B 133 15.14 17.88 0.17
C ILE B 133 16.50 17.31 0.57
N VAL B 134 17.54 17.64 -0.21
CA VAL B 134 18.96 17.23 -0.08
C VAL B 134 19.57 18.36 0.75
N ARG B 135 19.51 18.24 2.07
CA ARG B 135 19.92 19.28 3.01
C ARG B 135 21.43 19.35 3.13
N LYS B 136 21.99 20.50 2.76
CA LYS B 136 23.42 20.78 2.90
C LYS B 136 23.68 22.24 2.62
N ASP B 137 23.29 23.10 3.57
CA ASP B 137 23.05 24.51 3.25
C ASP B 137 24.30 25.29 2.87
N GLU B 138 25.50 24.77 3.12
CA GLU B 138 26.71 25.53 2.79
C GLU B 138 27.13 25.40 1.32
N ASN B 139 26.39 24.66 0.50
CA ASN B 139 26.62 24.56 -0.94
C ASN B 139 25.37 24.93 -1.73
N GLN B 140 25.59 25.54 -2.89
CA GLN B 140 24.52 25.93 -3.79
C GLN B 140 24.06 24.81 -4.72
N PHE B 141 24.79 23.69 -4.78
CA PHE B 141 24.54 22.56 -5.60
C PHE B 141 24.20 21.45 -4.62
N SER B 142 23.54 20.40 -5.11
CA SER B 142 23.06 19.31 -4.25
C SER B 142 23.59 17.98 -4.76
N TYR B 143 24.20 17.21 -3.84
CA TYR B 143 24.75 15.88 -4.08
C TYR B 143 23.68 14.82 -3.86
N VAL B 144 23.59 13.84 -4.78
CA VAL B 144 22.72 12.67 -4.66
C VAL B 144 23.50 11.42 -5.10
N ASP B 145 23.20 10.26 -4.47
CA ASP B 145 23.72 8.99 -4.98
C ASP B 145 22.77 7.79 -4.80
N SER B 146 23.19 6.68 -5.42
CA SER B 146 22.39 5.47 -5.49
C SER B 146 21.81 5.08 -4.15
N SER B 147 22.56 5.33 -3.09
CA SER B 147 22.25 4.63 -1.84
C SER B 147 21.58 5.53 -0.82
N MET B 148 21.35 6.78 -1.15
CA MET B 148 20.82 7.71 -0.14
C MET B 148 19.39 7.31 0.15
N THR B 149 19.04 7.20 1.42
CA THR B 149 17.70 6.81 1.79
C THR B 149 16.84 8.05 1.94
N THR B 150 15.54 7.84 2.03
CA THR B 150 14.57 8.92 2.19
C THR B 150 14.06 9.02 3.64
N VAL B 151 13.56 10.21 4.02
CA VAL B 151 12.98 10.40 5.35
C VAL B 151 11.98 9.28 5.66
N GLN B 152 11.10 8.96 4.72
CA GLN B 152 10.12 7.93 5.00
C GLN B 152 10.74 6.56 5.09
N GLU B 153 11.80 6.29 4.32
CA GLU B 153 12.48 5.00 4.43
C GLU B 153 13.11 4.86 5.81
N ASN B 154 13.66 5.95 6.35
CA ASN B 154 14.30 5.90 7.66
C ASN B 154 13.30 5.73 8.80
N GLU B 155 12.02 5.97 8.54
CA GLU B 155 10.98 5.64 9.50
C GLU B 155 10.71 4.13 9.53
N LEU B 156 10.83 3.46 8.39
CA LEU B 156 10.62 2.02 8.31
C LEU B 156 11.94 1.28 8.18
N SER B 161 20.31 5.41 7.87
CA SER B 161 19.63 5.93 9.05
C SER B 161 20.19 7.30 9.45
N ASP B 162 21.21 7.77 8.72
CA ASP B 162 21.84 9.06 9.01
C ASP B 162 21.01 10.18 8.43
N PRO B 163 20.44 11.07 9.25
CA PRO B 163 19.52 12.08 8.70
C PRO B 163 20.19 13.10 7.81
N ALA B 164 21.46 13.41 8.05
CA ALA B 164 22.12 14.48 7.30
C ALA B 164 22.25 14.13 5.82
N HIS B 165 22.29 12.84 5.49
CA HIS B 165 22.52 12.35 4.13
C HIS B 165 21.24 11.80 3.49
N SER B 166 20.09 12.27 3.93
CA SER B 166 18.82 11.73 3.47
C SER B 166 18.16 12.60 2.40
N LEU B 167 17.14 12.03 1.73
CA LEU B 167 16.35 12.76 0.71
C LEU B 167 14.99 13.11 1.32
N ASN B 168 14.89 14.31 1.91
N ASN B 168 14.89 14.30 1.92
CA ASN B 168 13.62 14.73 2.56
CA ASN B 168 13.63 14.74 2.57
C ASN B 168 12.50 14.88 1.53
C ASN B 168 12.51 14.87 1.53
N TYR B 169 12.02 13.74 1.01
CA TYR B 169 10.86 13.82 0.05
C TYR B 169 9.61 14.03 0.90
N THR B 170 8.51 14.35 0.26
CA THR B 170 7.22 14.56 0.95
C THR B 170 6.71 13.17 1.31
N VAL B 171 6.29 12.99 2.54
CA VAL B 171 5.83 11.69 3.08
C VAL B 171 4.41 11.43 2.58
N ILE B 172 4.19 10.36 1.82
CA ILE B 172 2.85 9.99 1.29
C ILE B 172 2.60 8.57 1.79
N ASN B 173 1.50 8.34 2.48
CA ASN B 173 1.22 7.01 3.01
C ASN B 173 -0.30 6.86 3.12
N PHE B 174 -0.83 6.02 2.24
CA PHE B 174 -2.29 5.91 2.06
C PHE B 174 -3.04 5.33 3.25
N LYS B 175 -2.35 4.57 4.05
CA LYS B 175 -2.93 4.04 5.28
C LYS B 175 -2.28 4.75 6.46
N SER B 176 -2.63 6.03 6.58
CA SER B 176 -2.14 6.91 7.62
C SER B 176 -3.25 7.87 8.01
N ARG B 177 -3.21 8.36 9.27
CA ARG B 177 -4.19 9.35 9.70
C ARG B 177 -4.13 10.61 8.85
N GLU B 178 -2.95 10.96 8.32
CA GLU B 178 -2.90 12.15 7.47
C GLU B 178 -3.82 11.98 6.28
N ALA B 179 -3.85 10.77 5.71
CA ALA B 179 -4.52 10.49 4.46
C ALA B 179 -5.98 10.16 4.66
N ILE B 180 -6.36 9.73 5.87
CA ILE B 180 -7.73 9.26 6.14
C ILE B 180 -8.44 10.16 7.17
N ARG B 181 -9.61 10.67 6.81
CA ARG B 181 -10.35 11.50 7.77
C ARG B 181 -11.18 10.62 8.69
N PRO B 182 -11.19 10.91 10.00
CA PRO B 182 -12.10 10.20 10.90
C PRO B 182 -13.54 10.26 10.42
N GLY B 183 -14.14 9.09 10.28
CA GLY B 183 -15.50 9.02 9.78
C GLY B 183 -15.65 9.02 8.29
N HIS B 184 -14.54 9.08 7.51
CA HIS B 184 -14.56 8.96 6.06
C HIS B 184 -13.63 7.84 5.59
N GLU B 185 -13.51 6.75 6.36
CA GLU B 185 -12.47 5.75 6.14
C GLU B 185 -12.58 5.15 4.74
N MET B 186 -13.75 4.59 4.40
CA MET B 186 -13.93 4.02 3.07
C MET B 186 -13.87 5.11 2.02
N GLU B 187 -14.53 6.23 2.30
CA GLU B 187 -14.60 7.28 1.28
C GLU B 187 -13.20 7.71 0.90
N ASP B 188 -12.43 8.11 1.89
CA ASP B 188 -11.11 8.67 1.58
C ASP B 188 -10.14 7.63 1.06
N PHE B 189 -10.33 6.36 1.45
CA PHE B 189 -9.34 5.36 1.07
C PHE B 189 -9.51 4.93 -0.38
N LEU B 190 -10.77 4.80 -0.82
CA LEU B 190 -11.10 4.48 -2.21
C LEU B 190 -11.07 5.71 -3.13
N ASP B 191 -11.09 6.93 -2.60
CA ASP B 191 -11.05 8.14 -3.42
C ASP B 191 -10.17 9.15 -2.67
N LYS B 192 -8.90 9.17 -3.02
CA LYS B 192 -7.97 10.02 -2.31
C LYS B 192 -8.08 11.51 -2.66
N SER B 193 -9.22 11.99 -3.20
CA SER B 193 -9.22 13.39 -3.61
C SER B 193 -8.98 14.35 -2.44
N TYR B 194 -9.27 13.93 -1.21
N TYR B 194 -9.32 13.93 -1.22
N TYR B 194 -9.34 13.95 -1.22
CA TYR B 194 -9.07 14.84 -0.08
CA TYR B 194 -9.10 14.75 -0.03
CA TYR B 194 -9.09 14.82 -0.07
C TYR B 194 -7.61 14.87 0.33
C TYR B 194 -7.62 14.86 0.25
C TYR B 194 -7.60 14.87 0.26
N TYR B 195 -6.95 13.71 0.29
CA TYR B 195 -5.52 13.67 0.54
C TYR B 195 -4.79 14.50 -0.50
N LEU B 196 -5.19 14.35 -1.76
CA LEU B 196 -4.53 15.08 -2.85
C LEU B 196 -4.71 16.58 -2.75
N ASN B 197 -5.95 17.02 -2.85
CA ASN B 197 -6.30 18.42 -3.07
C ASN B 197 -6.24 19.27 -1.82
N THR B 198 -6.64 18.75 -0.66
CA THR B 198 -6.65 19.54 0.57
C THR B 198 -5.36 19.34 1.37
N VAL B 199 -5.01 18.09 1.69
CA VAL B 199 -3.81 17.84 2.48
C VAL B 199 -2.56 18.21 1.68
N MET B 200 -2.39 17.64 0.49
CA MET B 200 -1.09 17.75 -0.14
C MET B 200 -0.96 19.00 -1.01
N LEU B 201 -1.90 19.25 -1.92
CA LEU B 201 -1.78 20.39 -2.85
C LEU B 201 -1.99 21.72 -2.11
N GLN B 202 -3.12 21.87 -1.44
N GLN B 202 -3.14 21.88 -1.45
CA GLN B 202 -3.42 23.13 -0.71
CA GLN B 202 -3.43 23.13 -0.72
C GLN B 202 -2.41 23.32 0.43
C GLN B 202 -2.42 23.31 0.43
N GLY B 203 -2.05 22.20 1.09
CA GLY B 203 -1.59 22.30 2.50
C GLY B 203 -0.10 22.08 2.69
N ILE B 204 0.50 21.07 2.06
CA ILE B 204 1.93 20.69 2.28
C ILE B 204 2.76 21.27 1.16
N PHE B 205 2.30 21.10 -0.06
CA PHE B 205 2.99 21.58 -1.30
C PHE B 205 2.64 23.00 -1.78
N LYS B 206 1.45 23.60 -1.50
CA LYS B 206 0.94 24.99 -1.86
C LYS B 206 0.29 25.07 -3.27
N ASN B 207 0.81 24.41 -4.33
CA ASN B 207 0.26 24.41 -5.68
C ASN B 207 0.68 23.15 -6.40
N SER B 208 0.04 22.88 -7.55
CA SER B 208 0.33 21.71 -8.40
C SER B 208 1.73 21.78 -9.00
N SER B 209 2.35 22.95 -9.15
CA SER B 209 3.73 23.11 -9.71
C SER B 209 4.76 22.49 -8.77
N ASN B 210 4.63 22.70 -7.46
CA ASN B 210 5.53 22.13 -6.43
C ASN B 210 5.32 20.60 -6.45
N TYR B 211 4.07 20.14 -6.53
CA TYR B 211 3.79 18.68 -6.55
C TYR B 211 4.46 18.11 -7.80
N PHE B 212 4.30 18.79 -8.92
CA PHE B 212 4.93 18.28 -10.17
C PHE B 212 6.45 18.31 -10.03
N GLY B 213 7.08 19.32 -9.44
CA GLY B 213 8.56 19.33 -9.42
C GLY B 213 9.14 18.20 -8.63
N GLU B 214 8.52 17.87 -7.50
CA GLU B 214 9.07 16.78 -6.67
C GLU B 214 9.04 15.47 -7.45
N LEU B 215 7.90 15.13 -8.03
CA LEU B 215 7.60 13.98 -8.92
C LEU B 215 8.58 13.91 -10.06
N GLN B 216 8.91 15.06 -10.59
CA GLN B 216 9.82 15.16 -11.75
C GLN B 216 11.24 14.87 -11.25
N PHE B 217 11.59 15.42 -10.09
CA PHE B 217 12.88 15.29 -9.36
C PHE B 217 13.06 13.86 -8.86
N ALA B 218 11.94 13.25 -8.46
CA ALA B 218 11.91 11.86 -7.93
C ALA B 218 12.31 10.96 -9.07
N PHE B 219 11.65 11.12 -10.20
CA PHE B 219 11.90 10.27 -11.36
C PHE B 219 13.37 10.33 -11.75
N LEU B 220 13.92 11.53 -11.82
CA LEU B 220 15.28 11.73 -12.32
C LEU B 220 16.31 11.13 -11.40
N ASN B 221 16.09 11.24 -10.10
CA ASN B 221 17.01 10.58 -9.19
CA ASN B 221 16.99 10.56 -9.17
C ASN B 221 16.90 9.04 -9.32
N ALA B 222 15.69 8.50 -9.50
CA ALA B 222 15.59 7.07 -9.81
C ALA B 222 16.34 6.69 -11.08
N MET B 223 16.15 7.46 -12.18
CA MET B 223 16.65 7.06 -13.49
C MET B 223 18.16 7.18 -13.54
N PHE B 224 18.68 8.32 -13.11
CA PHE B 224 20.11 8.58 -13.21
C PHE B 224 20.93 7.92 -12.11
N PHE B 225 20.43 7.78 -10.91
CA PHE B 225 21.19 7.13 -9.84
C PHE B 225 20.69 5.75 -9.44
N GLY B 226 19.60 5.25 -9.99
CA GLY B 226 19.03 4.01 -9.45
C GLY B 226 18.72 4.13 -7.98
N ASN B 227 18.27 5.29 -7.52
CA ASN B 227 17.85 5.50 -6.14
C ASN B 227 16.44 4.89 -5.94
N TYR B 228 16.35 3.85 -5.10
CA TYR B 228 15.12 3.10 -5.03
C TYR B 228 14.03 3.96 -4.39
N GLY B 229 14.39 4.69 -3.33
CA GLY B 229 13.38 5.48 -2.59
C GLY B 229 12.84 6.61 -3.40
N SER B 230 13.66 7.18 -4.28
CA SER B 230 13.08 8.13 -5.23
C SER B 230 12.06 7.46 -6.12
N SER B 231 12.33 6.23 -6.54
CA SER B 231 11.41 5.58 -7.46
C SER B 231 10.12 5.27 -6.77
N LEU B 232 10.21 4.92 -5.47
CA LEU B 232 9.06 4.72 -4.63
C LEU B 232 8.29 6.00 -4.52
N GLN B 233 9.01 7.10 -4.29
CA GLN B 233 8.42 8.44 -4.16
C GLN B 233 7.73 8.83 -5.47
N TRP B 234 8.34 8.50 -6.62
CA TRP B 234 7.76 8.78 -7.98
C TRP B 234 6.47 7.99 -8.15
N HIS B 235 6.55 6.72 -7.79
CA HIS B 235 5.37 5.83 -7.89
C HIS B 235 4.29 6.33 -6.94
N ALA B 236 4.67 6.77 -5.75
CA ALA B 236 3.74 7.20 -4.67
C ALA B 236 2.94 8.39 -5.17
N MET B 237 3.57 9.39 -5.76
CA MET B 237 2.82 10.56 -6.26
C MET B 237 1.93 10.24 -7.46
N ILE B 238 2.37 9.38 -8.38
CA ILE B 238 1.55 9.03 -9.57
C ILE B 238 0.27 8.35 -9.05
N GLU B 239 0.46 7.41 -8.12
CA GLU B 239 -0.67 6.64 -7.59
C GLU B 239 -1.66 7.57 -6.90
N LEU B 240 -1.20 8.57 -6.17
CA LEU B 240 -2.11 9.50 -5.46
C LEU B 240 -2.96 10.33 -6.45
N ILE B 241 -2.43 10.77 -7.58
CA ILE B 241 -3.29 11.53 -8.54
C ILE B 241 -4.27 10.54 -9.17
N CYS B 242 -3.79 9.43 -9.70
CA CYS B 242 -4.63 8.47 -10.45
C CYS B 242 -5.75 7.94 -9.58
N SER B 243 -5.49 7.78 -8.28
CA SER B 243 -6.46 7.25 -7.33
C SER B 243 -7.42 8.30 -6.81
N SER B 244 -7.48 9.49 -7.39
CA SER B 244 -8.37 10.57 -6.93
C SER B 244 -9.43 10.80 -7.97
N ALA B 245 -10.71 10.82 -7.55
CA ALA B 245 -11.79 10.99 -8.48
C ALA B 245 -11.87 12.42 -8.98
N THR B 246 -11.40 13.36 -8.17
CA THR B 246 -11.56 14.79 -8.45
C THR B 246 -10.19 15.40 -8.55
N VAL B 247 -9.78 15.70 -9.77
CA VAL B 247 -8.48 16.31 -10.04
C VAL B 247 -8.69 17.41 -11.08
N PRO B 248 -8.20 18.63 -10.88
CA PRO B 248 -8.36 19.66 -11.91
C PRO B 248 -7.93 19.21 -13.31
N LYS B 249 -8.71 19.63 -14.31
CA LYS B 249 -8.51 19.17 -15.68
C LYS B 249 -7.08 19.45 -16.13
N HIS B 250 -6.51 20.56 -15.67
CA HIS B 250 -5.18 20.96 -16.14
C HIS B 250 -4.09 20.14 -15.49
N MET B 251 -4.25 19.74 -14.22
CA MET B 251 -3.27 18.84 -13.64
C MET B 251 -3.26 17.51 -14.39
N LEU B 252 -4.42 16.98 -14.73
CA LEU B 252 -4.44 15.74 -15.50
C LEU B 252 -3.72 15.91 -16.83
N ASP B 253 -4.11 16.93 -17.57
CA ASP B 253 -3.45 17.12 -18.87
C ASP B 253 -1.92 17.23 -18.72
N LYS B 254 -1.45 18.03 -17.74
CA LYS B 254 -0.01 18.17 -17.54
C LYS B 254 0.63 16.86 -17.12
N LEU B 255 -0.03 16.15 -16.20
CA LEU B 255 0.50 14.87 -15.75
C LEU B 255 0.76 13.97 -16.94
N ASP B 256 -0.23 13.90 -17.83
CA ASP B 256 -0.09 13.05 -19.01
C ASP B 256 1.15 13.42 -19.83
N GLU B 257 1.45 14.71 -19.94
CA GLU B 257 2.61 15.16 -20.70
C GLU B 257 3.88 14.86 -19.93
N ILE B 258 3.92 15.25 -18.66
CA ILE B 258 5.04 14.88 -17.78
C ILE B 258 5.39 13.39 -17.91
N LEU B 259 4.40 12.54 -17.76
CA LEU B 259 4.69 11.11 -17.76
C LEU B 259 5.17 10.63 -19.11
N TYR B 260 4.54 11.14 -20.16
CA TYR B 260 4.91 10.69 -21.49
C TYR B 260 6.41 10.84 -21.75
N TYR B 261 6.95 12.00 -21.37
CA TYR B 261 8.33 12.27 -21.63
C TYR B 261 9.23 11.50 -20.68
N GLN B 262 8.74 11.15 -19.50
CA GLN B 262 9.55 10.26 -18.66
C GLN B 262 9.64 8.88 -19.26
N ILE B 263 8.47 8.32 -19.66
CA ILE B 263 8.49 6.99 -20.25
C ILE B 263 9.30 7.00 -21.53
N LYS B 264 9.17 8.08 -22.32
CA LYS B 264 9.94 8.18 -23.55
C LYS B 264 11.44 8.09 -23.25
N THR B 265 11.90 8.77 -22.20
CA THR B 265 13.32 8.89 -21.91
C THR B 265 13.88 7.66 -21.22
N LEU B 266 13.06 6.86 -20.54
CA LEU B 266 13.57 5.74 -19.77
C LEU B 266 14.39 4.80 -20.65
N PRO B 267 15.61 4.44 -20.27
CA PRO B 267 16.34 3.41 -21.02
C PRO B 267 15.53 2.12 -21.13
N GLU B 268 15.38 1.64 -22.36
CA GLU B 268 14.50 0.49 -22.59
C GLU B 268 14.85 -0.67 -21.68
N GLN B 269 16.14 -0.87 -21.42
CA GLN B 269 16.62 -2.03 -20.68
C GLN B 269 16.51 -1.89 -19.17
N TYR B 270 16.19 -0.70 -18.66
CA TYR B 270 16.03 -0.50 -17.23
C TYR B 270 14.56 -0.49 -16.81
N SER B 271 13.64 -0.77 -17.72
CA SER B 271 12.22 -0.70 -17.39
C SER B 271 11.82 -1.74 -16.38
N ASP B 272 12.47 -2.91 -16.40
CA ASP B 272 12.05 -4.00 -15.51
C ASP B 272 12.15 -3.59 -14.04
N ILE B 273 13.01 -2.64 -13.71
CA ILE B 273 13.26 -2.26 -12.32
C ILE B 273 12.65 -0.91 -11.98
N LEU B 274 12.76 0.06 -12.89
CA LEU B 274 12.26 1.40 -12.63
C LEU B 274 10.73 1.49 -12.65
N LEU B 275 10.02 0.49 -13.15
CA LEU B 275 8.59 0.62 -13.37
C LEU B 275 7.87 -0.43 -12.56
N ASN B 276 6.85 0.01 -11.83
CA ASN B 276 6.10 -0.84 -10.92
C ASN B 276 4.83 -1.33 -11.60
N GLU B 277 4.80 -2.60 -11.97
CA GLU B 277 3.67 -3.15 -12.72
C GLU B 277 2.35 -2.82 -12.05
N ARG B 278 2.27 -3.02 -10.73
CA ARG B 278 0.99 -2.82 -10.08
C ARG B 278 0.54 -1.37 -10.19
N VAL B 279 1.43 -0.42 -10.01
CA VAL B 279 1.01 0.98 -10.08
C VAL B 279 0.57 1.34 -11.49
N TRP B 280 1.34 0.93 -12.49
CA TRP B 280 1.01 1.35 -13.85
C TRP B 280 -0.32 0.73 -14.30
N ASN B 281 -0.53 -0.56 -14.07
CA ASN B 281 -1.78 -1.17 -14.55
C ASN B 281 -2.99 -0.53 -13.88
N ILE B 282 -2.92 -0.35 -12.56
CA ILE B 282 -3.95 0.35 -11.82
C ILE B 282 -4.18 1.73 -12.43
N CYS B 283 -3.10 2.52 -12.57
CA CYS B 283 -3.25 3.89 -13.06
C CYS B 283 -3.88 3.90 -14.45
N LEU B 284 -3.40 3.02 -15.33
CA LEU B 284 -3.85 3.08 -16.71
C LEU B 284 -5.16 2.36 -16.95
N TYR B 285 -5.49 1.39 -16.13
CA TYR B 285 -6.62 0.53 -16.46
C TYR B 285 -7.71 0.47 -15.40
N SER B 286 -7.40 0.67 -14.12
CA SER B 286 -8.42 0.58 -13.08
C SER B 286 -8.82 1.92 -12.50
N SER B 287 -7.86 2.77 -12.18
CA SER B 287 -8.11 3.96 -11.39
C SER B 287 -9.14 4.89 -12.05
N PHE B 288 -9.46 5.96 -11.30
CA PHE B 288 -10.43 6.94 -11.78
C PHE B 288 -9.99 7.60 -13.08
N GLN B 289 -8.68 7.75 -13.28
CA GLN B 289 -8.12 8.50 -14.40
C GLN B 289 -7.72 7.60 -15.56
N LYS B 290 -8.22 6.35 -15.56
CA LYS B 290 -7.86 5.38 -16.59
C LYS B 290 -8.07 5.90 -17.99
N ASN B 291 -8.92 6.90 -18.17
CA ASN B 291 -9.21 7.45 -19.48
C ASN B 291 -8.61 8.83 -19.66
N SER B 292 -7.73 9.25 -18.76
CA SER B 292 -7.25 10.62 -18.72
C SER B 292 -5.77 10.75 -19.05
N LEU B 293 -5.13 9.66 -19.46
CA LEU B 293 -3.68 9.69 -19.74
C LEU B 293 -3.46 9.09 -21.15
N HIS B 294 -4.03 9.74 -22.16
CA HIS B 294 -3.98 9.14 -23.50
C HIS B 294 -2.55 9.00 -24.00
N ASN B 295 -1.75 10.06 -23.85
CA ASN B 295 -0.38 10.02 -24.34
C ASN B 295 0.44 8.95 -23.63
N THR B 296 0.43 9.00 -22.30
CA THR B 296 1.20 8.02 -21.54
C THR B 296 0.75 6.61 -21.87
N GLU B 297 -0.54 6.36 -21.85
CA GLU B 297 -1.02 5.02 -22.19
C GLU B 297 -0.59 4.61 -23.60
N LYS B 298 -0.63 5.51 -24.57
CA LYS B 298 -0.22 5.05 -25.89
C LYS B 298 1.26 4.71 -25.94
N ILE B 299 2.12 5.53 -25.30
CA ILE B 299 3.53 5.17 -25.33
C ILE B 299 3.82 3.96 -24.44
N MET B 300 3.12 3.81 -23.32
CA MET B 300 3.40 2.62 -22.50
C MET B 300 3.05 1.32 -23.23
N GLU B 301 1.88 1.32 -23.89
CA GLU B 301 1.40 0.16 -24.63
C GLU B 301 2.29 -0.17 -25.83
N ASN B 302 2.81 0.83 -26.55
CA ASN B 302 3.61 0.50 -27.73
C ASN B 302 5.07 0.17 -27.39
N LYS B 303 5.56 0.63 -26.25
CA LYS B 303 6.96 0.47 -25.87
C LYS B 303 7.19 -0.60 -24.83
N TYR B 304 6.25 -0.73 -23.88
CA TYR B 304 6.39 -1.70 -22.79
C TYR B 304 5.11 -2.52 -22.65
N PRO B 305 4.63 -3.15 -23.74
CA PRO B 305 3.40 -3.94 -23.64
C PRO B 305 3.54 -5.15 -22.72
N GLU B 306 4.78 -5.58 -22.45
CA GLU B 306 5.03 -6.70 -21.56
C GLU B 306 4.64 -6.38 -20.11
N LEU B 307 5.00 -5.19 -19.64
CA LEU B 307 4.65 -4.80 -18.27
C LEU B 307 3.16 -4.87 -18.02
N LEU B 308 2.35 -4.82 -19.06
CA LEU B 308 0.90 -4.82 -18.90
C LEU B 308 0.33 -6.13 -19.47
N1 W5U C . 28.63 10.81 -26.77
C7 W5U C . 29.71 15.10 -25.12
C8 W5U C . 28.63 15.33 -24.40
C9 W5U C . 27.58 14.38 -24.37
C1 W5U C . 27.38 7.51 -25.35
C5 W5U C . 28.89 13.03 -25.78
C6 W5U C . 29.84 13.98 -25.79
C4 W5U C . 29.41 11.81 -26.37
C3 W5U C . 27.29 10.70 -26.67
C2 W5U C . 27.16 9.24 -27.06
F W5U C . 28.62 16.44 -23.78
C10 W5U C . 27.74 13.21 -25.10
O W5U C . 30.65 11.58 -26.50
N W5U C . 26.46 8.49 -25.98
C W5U C . 25.30 7.78 -26.59
N1 W5U D . 8.23 20.00 -2.72
C7 W5U D . 10.37 21.12 -6.79
C8 W5U D . 11.29 20.17 -6.74
C9 W5U D . 11.44 19.36 -5.59
C1 W5U D . 8.93 21.85 1.51
C5 W5U D . 9.67 20.56 -4.59
C6 W5U D . 9.60 21.30 -5.73
C4 W5U D . 8.73 20.97 -3.52
C3 W5U D . 7.37 20.30 -1.66
C2 W5U D . 8.38 20.68 -0.54
F W5U D . 12.02 20.12 -7.73
C10 W5U D . 10.62 19.55 -4.51
O W5U D . 8.36 22.04 -3.37
N W5U D . 7.82 21.24 0.73
C W5U D . 6.83 22.30 0.49
#